data_1R6X
#
_entry.id   1R6X
#
_cell.length_a   50.186
_cell.length_b   59.111
_cell.length_c   131.165
_cell.angle_alpha   90.00
_cell.angle_beta   90.00
_cell.angle_gamma   90.00
#
_symmetry.space_group_name_H-M   'P 21 21 21'
#
loop_
_entity.id
_entity.type
_entity.pdbx_description
1 polymer 'ATP:sulfate adenylyltransferase'
2 non-polymer 'SULFATE ION'
3 non-polymer 'COBALT (II) ION'
4 water water
#
_entity_poly.entity_id   1
_entity_poly.type   'polypeptide(L)'
_entity_poly.pdbx_seq_one_letter_code
;PAPHGGILQDLIARDALKKNELLSEAQSSDILVWNLTPRQLCDIELILNGGFSPLTGFLNENDYSSVVTDSRLADGTLWT
IPITLDVDEAFANQIKPDTRIALFQDDEIPIAILTVQDVYKPNKTIEAEKVFRGDPEHPAISYLFNVAGDYYVGGSLEAI
QLPQHYDYPGLRKTPAQLRLEFQSRQWDRVVAFQTRNPMHRAHRELTVRAAREANAKVLIHPVVGLTKPGDIDHHTRVRV
YQEIIKRYPNGIAFLSLLPLAMRMSGDREAVWHAIIRKNYGASHFIVGRDHAGPGKNSKGVDFYGPYDAQELVESYKHEL
DIEVVPFRMVTYLPDEDRYAPIDQIDTTKTRTLNISGTELRRRLRVGGEIPEWFSYPEVVKILRESNPPRPKGSS
;
_entity_poly.pdbx_strand_id   A
#
loop_
_chem_comp.id
_chem_comp.type
_chem_comp.name
_chem_comp.formula
CO non-polymer 'COBALT (II) ION' 'Co 2'
SO4 non-polymer 'SULFATE ION' 'O4 S -2'
#
# COMPACT_ATOMS: atom_id res chain seq x y z
N PRO A 1 6.87 -7.32 -15.33
CA PRO A 1 8.28 -6.95 -15.09
C PRO A 1 8.88 -7.76 -13.94
N ALA A 2 10.21 -7.70 -13.81
CA ALA A 2 10.87 -8.44 -12.76
C ALA A 2 10.62 -7.83 -11.38
N PRO A 3 10.57 -8.67 -10.35
CA PRO A 3 10.33 -8.16 -8.99
C PRO A 3 11.49 -7.24 -8.62
N HIS A 4 11.27 -6.40 -7.61
CA HIS A 4 12.30 -5.49 -7.14
C HIS A 4 13.41 -6.36 -6.55
N GLY A 5 14.63 -6.24 -7.07
CA GLY A 5 15.72 -7.06 -6.57
C GLY A 5 15.90 -8.29 -7.44
N GLY A 6 14.94 -8.48 -8.37
CA GLY A 6 15.00 -9.60 -9.30
C GLY A 6 14.31 -10.89 -8.91
N ILE A 7 14.11 -11.09 -7.61
CA ILE A 7 13.51 -12.33 -7.11
C ILE A 7 12.24 -12.07 -6.30
N LEU A 8 11.16 -12.80 -6.61
CA LEU A 8 9.94 -12.63 -5.85
C LEU A 8 10.13 -13.44 -4.58
N GLN A 9 10.28 -12.75 -3.46
CA GLN A 9 10.50 -13.43 -2.20
C GLN A 9 9.21 -13.95 -1.58
N ASP A 10 8.59 -14.88 -2.30
CA ASP A 10 7.36 -15.53 -1.88
C ASP A 10 7.80 -16.62 -0.91
N LEU A 11 7.86 -16.27 0.38
CA LEU A 11 8.30 -17.20 1.40
C LEU A 11 7.32 -18.33 1.65
N ILE A 12 6.05 -18.12 1.34
CA ILE A 12 5.05 -19.16 1.50
C ILE A 12 5.46 -20.28 0.53
N ALA A 13 5.75 -19.91 -0.71
CA ALA A 13 6.16 -20.89 -1.72
C ALA A 13 7.51 -21.49 -1.39
N ARG A 14 8.43 -20.65 -0.94
CA ARG A 14 9.78 -21.12 -0.61
C ARG A 14 9.81 -22.16 0.50
N ASP A 15 9.03 -21.94 1.56
CA ASP A 15 9.01 -22.85 2.70
C ASP A 15 7.86 -23.84 2.74
N ALA A 16 7.13 -23.97 1.64
CA ALA A 16 6.01 -24.89 1.56
C ALA A 16 6.32 -26.31 2.02
N LEU A 17 7.47 -26.84 1.60
CA LEU A 17 7.86 -28.21 1.94
C LEU A 17 8.28 -28.44 3.40
N LYS A 18 8.31 -27.39 4.20
CA LYS A 18 8.67 -27.54 5.61
C LYS A 18 7.62 -26.94 6.53
N LYS A 19 6.41 -26.76 6.00
CA LYS A 19 5.32 -26.18 6.78
C LYS A 19 5.01 -26.96 8.05
N ASN A 20 4.89 -28.28 7.93
CA ASN A 20 4.58 -29.09 9.10
C ASN A 20 5.64 -28.96 10.19
N GLU A 21 6.90 -28.94 9.79
CA GLU A 21 8.01 -28.81 10.73
C GLU A 21 8.00 -27.45 11.42
N LEU A 22 7.77 -26.39 10.65
CA LEU A 22 7.73 -25.05 11.20
C LEU A 22 6.52 -24.85 12.11
N LEU A 23 5.40 -25.43 11.72
CA LEU A 23 4.18 -25.31 12.50
C LEU A 23 4.39 -25.98 13.86
N SER A 24 4.96 -27.18 13.84
CA SER A 24 5.23 -27.92 15.07
C SER A 24 6.10 -27.09 16.02
N GLU A 25 7.15 -26.50 15.47
CA GLU A 25 8.07 -25.69 16.28
C GLU A 25 7.38 -24.47 16.87
N ALA A 26 6.58 -23.78 16.06
CA ALA A 26 5.87 -22.60 16.52
C ALA A 26 4.92 -22.90 17.68
N GLN A 27 4.44 -24.13 17.74
CA GLN A 27 3.52 -24.54 18.80
C GLN A 27 4.20 -25.18 20.01
N SER A 28 5.52 -25.29 19.98
CA SER A 28 6.25 -25.88 21.10
C SER A 28 6.18 -24.98 22.32
N SER A 29 6.25 -25.57 23.51
CA SER A 29 6.16 -24.78 24.75
C SER A 29 7.43 -24.01 25.10
N ASP A 30 8.56 -24.40 24.51
CA ASP A 30 9.82 -23.75 24.80
C ASP A 30 10.23 -22.61 23.88
N ILE A 31 9.50 -22.41 22.79
CA ILE A 31 9.86 -21.32 21.87
C ILE A 31 9.28 -19.99 22.33
N LEU A 32 10.07 -18.93 22.18
CA LEU A 32 9.64 -17.60 22.56
C LEU A 32 8.53 -17.17 21.59
N VAL A 33 7.47 -16.58 22.13
CA VAL A 33 6.34 -16.16 21.29
C VAL A 33 6.07 -14.66 21.30
N TRP A 34 5.79 -14.12 20.12
CA TRP A 34 5.45 -12.71 19.99
C TRP A 34 4.15 -12.61 19.21
N ASN A 35 3.16 -11.97 19.82
CA ASN A 35 1.86 -11.77 19.20
C ASN A 35 1.96 -10.49 18.36
N LEU A 36 1.82 -10.64 17.04
CA LEU A 36 1.91 -9.51 16.12
C LEU A 36 0.84 -8.46 16.32
N THR A 37 1.25 -7.19 16.22
CA THR A 37 0.32 -6.08 16.35
C THR A 37 -0.37 -5.91 14.99
N PRO A 38 -1.47 -5.14 14.96
CA PRO A 38 -2.17 -4.95 13.68
C PRO A 38 -1.29 -4.49 12.53
N ARG A 39 -0.43 -3.50 12.76
CA ARG A 39 0.42 -3.04 11.68
C ARG A 39 1.43 -4.11 11.26
N GLN A 40 1.96 -4.83 12.25
CA GLN A 40 2.92 -5.88 11.97
C GLN A 40 2.29 -7.01 11.16
N LEU A 41 0.99 -7.26 11.39
CA LEU A 41 0.30 -8.31 10.65
C LEU A 41 0.22 -7.93 9.18
N CYS A 42 -0.04 -6.66 8.90
CA CYS A 42 -0.11 -6.18 7.51
C CYS A 42 1.28 -6.27 6.88
N ASP A 43 2.29 -5.81 7.61
CA ASP A 43 3.65 -5.84 7.09
C ASP A 43 4.12 -7.27 6.83
N ILE A 44 3.88 -8.17 7.77
CA ILE A 44 4.35 -9.53 7.60
C ILE A 44 3.67 -10.25 6.45
N GLU A 45 2.42 -9.91 6.16
CA GLU A 45 1.75 -10.55 5.04
C GLU A 45 2.49 -10.18 3.75
N LEU A 46 2.87 -8.91 3.62
CA LEU A 46 3.56 -8.47 2.42
C LEU A 46 5.00 -8.96 2.34
N ILE A 47 5.63 -9.25 3.48
CA ILE A 47 6.99 -9.80 3.43
C ILE A 47 6.85 -11.26 2.98
N LEU A 48 5.97 -12.00 3.64
CA LEU A 48 5.78 -13.42 3.34
C LEU A 48 5.30 -13.72 1.92
N ASN A 49 4.50 -12.84 1.32
CA ASN A 49 4.02 -13.11 -0.02
C ASN A 49 4.86 -12.49 -1.14
N GLY A 50 5.98 -11.87 -0.76
CA GLY A 50 6.86 -11.28 -1.76
C GLY A 50 6.52 -9.86 -2.16
N GLY A 51 5.48 -9.30 -1.56
CA GLY A 51 5.07 -7.94 -1.87
C GLY A 51 6.16 -6.94 -1.53
N PHE A 52 6.99 -7.27 -0.54
CA PHE A 52 8.08 -6.40 -0.12
C PHE A 52 9.43 -6.87 -0.64
N SER A 53 9.46 -7.62 -1.73
CA SER A 53 10.74 -8.08 -2.29
C SER A 53 11.62 -6.83 -2.47
N PRO A 54 12.93 -6.95 -2.22
CA PRO A 54 13.73 -8.10 -1.79
C PRO A 54 13.70 -8.52 -0.32
N LEU A 55 12.89 -7.85 0.50
CA LEU A 55 12.86 -8.22 1.91
C LEU A 55 12.48 -9.67 2.17
N THR A 56 13.17 -10.30 3.12
CA THR A 56 12.87 -11.67 3.50
C THR A 56 12.72 -11.75 5.02
N GLY A 57 12.55 -10.58 5.64
CA GLY A 57 12.38 -10.51 7.09
C GLY A 57 12.25 -9.07 7.53
N PHE A 58 12.34 -8.85 8.85
CA PHE A 58 12.27 -7.49 9.39
C PHE A 58 13.69 -6.95 9.44
N LEU A 59 13.85 -5.68 9.12
CA LEU A 59 15.18 -5.08 9.03
C LEU A 59 16.07 -5.06 10.26
N ASN A 60 17.31 -5.50 10.07
CA ASN A 60 18.29 -5.44 11.14
C ASN A 60 18.77 -3.98 11.14
N GLU A 61 19.52 -3.60 12.16
CA GLU A 61 19.95 -2.21 12.27
C GLU A 61 20.81 -1.71 11.11
N ASN A 62 21.62 -2.61 10.53
CA ASN A 62 22.48 -2.23 9.42
C ASN A 62 21.62 -1.76 8.23
N ASP A 63 20.62 -2.57 7.87
CA ASP A 63 19.75 -2.18 6.76
C ASP A 63 18.83 -1.02 7.14
N TYR A 64 18.32 -1.06 8.37
CA TYR A 64 17.43 -0.01 8.87
C TYR A 64 18.10 1.36 8.79
N SER A 65 19.35 1.45 9.25
CA SER A 65 20.07 2.71 9.24
C SER A 65 20.21 3.26 7.82
N SER A 66 20.52 2.38 6.88
CA SER A 66 20.67 2.80 5.48
C SER A 66 19.35 3.28 4.92
N VAL A 67 18.25 2.61 5.26
CA VAL A 67 16.94 3.01 4.76
C VAL A 67 16.57 4.39 5.31
N VAL A 68 16.79 4.58 6.60
CA VAL A 68 16.45 5.84 7.25
C VAL A 68 17.17 7.05 6.64
N THR A 69 18.48 6.95 6.47
CA THR A 69 19.20 8.09 5.92
C THR A 69 19.34 8.14 4.41
N ASP A 70 19.60 6.98 3.80
CA ASP A 70 19.83 6.93 2.36
C ASP A 70 18.76 6.34 1.46
N SER A 71 17.63 5.94 2.05
CA SER A 71 16.53 5.35 1.29
C SER A 71 16.94 4.09 0.53
N ARG A 72 17.89 3.35 1.11
CA ARG A 72 18.38 2.12 0.49
C ARG A 72 18.75 1.10 1.54
N LEU A 73 18.68 -0.17 1.18
CA LEU A 73 19.10 -1.23 2.07
C LEU A 73 20.62 -1.11 2.08
N ALA A 74 21.29 -1.76 3.02
CA ALA A 74 22.74 -1.67 3.10
C ALA A 74 23.44 -2.09 1.81
N ASP A 75 22.83 -2.98 1.03
CA ASP A 75 23.46 -3.41 -0.21
C ASP A 75 23.22 -2.46 -1.37
N GLY A 76 22.54 -1.34 -1.10
CA GLY A 76 22.29 -0.36 -2.14
C GLY A 76 20.94 -0.42 -2.84
N THR A 77 20.14 -1.44 -2.53
CA THR A 77 18.84 -1.58 -3.16
C THR A 77 17.86 -0.53 -2.66
N LEU A 78 17.19 0.13 -3.59
CA LEU A 78 16.21 1.17 -3.22
C LEU A 78 15.14 0.64 -2.27
N TRP A 79 14.94 1.33 -1.16
CA TRP A 79 13.93 0.95 -0.18
C TRP A 79 13.77 2.16 0.74
N THR A 80 12.60 2.79 0.68
CA THR A 80 12.34 4.02 1.42
C THR A 80 11.63 3.99 2.77
N ILE A 81 10.90 2.92 3.06
CA ILE A 81 10.15 2.84 4.30
C ILE A 81 10.65 1.69 5.18
N PRO A 82 11.16 2.01 6.38
CA PRO A 82 11.66 0.94 7.25
C PRO A 82 10.55 0.01 7.75
N ILE A 83 10.77 -1.29 7.58
CA ILE A 83 9.81 -2.31 8.02
C ILE A 83 10.52 -3.10 9.11
N THR A 84 10.15 -2.83 10.35
CA THR A 84 10.78 -3.45 11.49
C THR A 84 9.80 -4.08 12.46
N LEU A 85 10.31 -5.00 13.29
CA LEU A 85 9.48 -5.66 14.30
C LEU A 85 9.74 -4.94 15.61
N ASP A 86 8.81 -4.04 15.95
CA ASP A 86 8.92 -3.24 17.17
C ASP A 86 8.31 -3.95 18.37
N VAL A 87 9.11 -4.07 19.43
CA VAL A 87 8.68 -4.75 20.66
C VAL A 87 9.01 -3.90 21.88
N ASP A 88 8.49 -4.28 23.04
CA ASP A 88 8.75 -3.56 24.28
C ASP A 88 10.09 -3.98 24.88
N GLU A 89 10.61 -3.15 25.79
CA GLU A 89 11.88 -3.40 26.44
C GLU A 89 12.06 -4.77 27.08
N ALA A 90 11.06 -5.20 27.85
CA ALA A 90 11.14 -6.50 28.53
C ALA A 90 11.29 -7.65 27.54
N PHE A 91 10.51 -7.60 26.47
CA PHE A 91 10.59 -8.66 25.46
C PHE A 91 11.97 -8.66 24.81
N ALA A 92 12.48 -7.46 24.52
CA ALA A 92 13.79 -7.34 23.89
C ALA A 92 14.89 -7.94 24.76
N ASN A 93 14.72 -7.85 26.08
CA ASN A 93 15.73 -8.39 27.00
C ASN A 93 15.89 -9.89 26.92
N GLN A 94 14.84 -10.59 26.50
CA GLN A 94 14.87 -12.06 26.40
C GLN A 94 15.45 -12.54 25.08
N ILE A 95 15.77 -11.60 24.20
CA ILE A 95 16.30 -11.95 22.88
C ILE A 95 17.79 -11.77 22.69
N LYS A 96 18.37 -12.68 21.91
CA LYS A 96 19.79 -12.64 21.59
C LYS A 96 19.91 -13.15 20.15
N PRO A 97 21.04 -12.85 19.50
CA PRO A 97 21.21 -13.33 18.12
C PRO A 97 21.01 -14.84 18.04
N ASP A 98 20.36 -15.29 16.97
CA ASP A 98 20.08 -16.69 16.71
C ASP A 98 18.86 -17.24 17.44
N THR A 99 18.27 -16.44 18.32
CA THR A 99 17.06 -16.87 19.01
C THR A 99 15.98 -17.00 17.96
N ARG A 100 15.20 -18.07 18.03
CA ARG A 100 14.10 -18.27 17.09
C ARG A 100 12.82 -17.87 17.82
N ILE A 101 12.02 -17.03 17.19
CA ILE A 101 10.77 -16.54 17.78
C ILE A 101 9.56 -16.89 16.93
N ALA A 102 8.51 -17.41 17.58
CA ALA A 102 7.29 -17.76 16.86
C ALA A 102 6.41 -16.52 16.83
N LEU A 103 6.03 -16.09 15.62
CA LEU A 103 5.19 -14.91 15.46
C LEU A 103 3.76 -15.36 15.24
N PHE A 104 2.87 -14.92 16.13
CA PHE A 104 1.47 -15.30 16.08
C PHE A 104 0.49 -14.20 15.71
N GLN A 105 -0.69 -14.61 15.28
CA GLN A 105 -1.77 -13.68 14.94
C GLN A 105 -2.89 -13.96 15.93
N ASP A 106 -3.43 -12.89 16.52
CA ASP A 106 -4.52 -13.01 17.50
C ASP A 106 -4.16 -13.98 18.63
N ASP A 107 -2.87 -14.04 18.94
CA ASP A 107 -2.34 -14.89 20.00
C ASP A 107 -2.73 -16.36 19.85
N GLU A 108 -3.05 -16.79 18.64
CA GLU A 108 -3.47 -18.18 18.42
C GLU A 108 -3.04 -18.82 17.10
N ILE A 109 -2.87 -18.01 16.06
CA ILE A 109 -2.49 -18.55 14.75
C ILE A 109 -1.01 -18.35 14.43
N PRO A 110 -0.26 -19.46 14.28
CA PRO A 110 1.17 -19.36 13.96
C PRO A 110 1.36 -18.83 12.54
N ILE A 111 2.07 -17.72 12.41
CA ILE A 111 2.30 -17.10 11.11
C ILE A 111 3.68 -17.36 10.53
N ALA A 112 4.72 -17.24 11.37
CA ALA A 112 6.08 -17.44 10.89
C ALA A 112 7.05 -17.62 12.04
N ILE A 113 8.28 -18.01 11.71
CA ILE A 113 9.34 -18.16 12.69
C ILE A 113 10.43 -17.17 12.30
N LEU A 114 10.81 -16.34 13.24
CA LEU A 114 11.85 -15.34 13.00
C LEU A 114 13.17 -15.78 13.64
N THR A 115 14.25 -15.74 12.87
CA THR A 115 15.57 -16.07 13.40
C THR A 115 16.23 -14.71 13.62
N VAL A 116 16.45 -14.37 14.88
CA VAL A 116 17.02 -13.08 15.24
C VAL A 116 18.45 -12.84 14.81
N GLN A 117 18.68 -11.67 14.23
CA GLN A 117 20.01 -11.25 13.80
C GLN A 117 20.48 -10.20 14.81
N ASP A 118 19.56 -9.35 15.24
CA ASP A 118 19.90 -8.34 16.24
C ASP A 118 18.67 -7.77 16.94
N VAL A 119 18.93 -7.07 18.05
CA VAL A 119 17.90 -6.42 18.83
C VAL A 119 18.52 -5.08 19.18
N TYR A 120 17.85 -4.00 18.81
CA TYR A 120 18.38 -2.67 19.05
C TYR A 120 17.33 -1.64 19.42
N LYS A 121 17.79 -0.54 20.01
CA LYS A 121 16.90 0.54 20.39
C LYS A 121 17.12 1.66 19.38
N PRO A 122 16.20 1.81 18.42
CA PRO A 122 16.37 2.87 17.41
C PRO A 122 16.18 4.27 17.97
N ASN A 123 16.88 5.22 17.36
CA ASN A 123 16.74 6.62 17.73
C ASN A 123 15.53 7.04 16.92
N LYS A 124 14.37 7.10 17.57
CA LYS A 124 13.13 7.46 16.89
C LYS A 124 13.06 8.90 16.40
N THR A 125 13.84 9.78 17.01
CA THR A 125 13.82 11.16 16.56
C THR A 125 14.45 11.22 15.17
N ILE A 126 15.54 10.48 14.96
CA ILE A 126 16.16 10.46 13.64
C ILE A 126 15.20 9.83 12.64
N GLU A 127 14.52 8.75 13.03
CA GLU A 127 13.59 8.11 12.13
C GLU A 127 12.46 9.07 11.76
N ALA A 128 11.91 9.76 12.75
CA ALA A 128 10.82 10.71 12.50
C ALA A 128 11.25 11.84 11.57
N GLU A 129 12.43 12.38 11.81
CA GLU A 129 12.95 13.47 11.00
C GLU A 129 13.32 13.08 9.57
N LYS A 130 14.16 12.06 9.43
CA LYS A 130 14.61 11.62 8.11
C LYS A 130 13.60 10.87 7.26
N VAL A 131 12.84 9.97 7.88
CA VAL A 131 11.86 9.21 7.10
C VAL A 131 10.53 9.92 6.92
N PHE A 132 10.05 10.57 7.97
CA PHE A 132 8.73 11.20 7.94
C PHE A 132 8.65 12.73 7.96
N ARG A 133 9.81 13.38 7.86
CA ARG A 133 9.91 14.84 7.82
C ARG A 133 9.75 15.59 9.15
N GLY A 134 9.69 14.85 10.24
CA GLY A 134 9.65 15.43 11.57
C GLY A 134 8.46 16.12 12.22
N ASP A 135 7.37 16.37 11.50
CA ASP A 135 6.22 17.04 12.11
C ASP A 135 5.52 16.10 13.10
N PRO A 136 5.46 16.49 14.38
CA PRO A 136 4.82 15.65 15.41
C PRO A 136 3.39 15.22 15.10
N GLU A 137 2.71 15.94 14.22
CA GLU A 137 1.33 15.61 13.86
C GLU A 137 1.23 14.56 12.74
N HIS A 138 2.37 14.26 12.11
CA HIS A 138 2.38 13.27 11.04
C HIS A 138 1.91 11.94 11.62
N PRO A 139 0.94 11.28 10.97
CA PRO A 139 0.42 10.00 11.46
C PRO A 139 1.49 8.95 11.77
N ALA A 140 2.51 8.88 10.92
CA ALA A 140 3.57 7.89 11.13
C ALA A 140 4.45 8.20 12.33
N ILE A 141 4.60 9.49 12.65
CA ILE A 141 5.41 9.90 13.78
C ILE A 141 4.63 9.69 15.08
N SER A 142 3.34 9.99 15.06
CA SER A 142 2.50 9.78 16.23
C SER A 142 2.53 8.28 16.53
N TYR A 143 2.43 7.46 15.48
CA TYR A 143 2.46 6.02 15.69
C TYR A 143 3.81 5.59 16.24
N LEU A 144 4.87 6.08 15.59
CA LEU A 144 6.23 5.75 15.97
C LEU A 144 6.51 5.97 17.46
N PHE A 145 6.11 7.13 17.98
CA PHE A 145 6.37 7.44 19.38
C PHE A 145 5.35 6.88 20.37
N ASN A 146 4.07 6.91 20.01
CA ASN A 146 3.04 6.45 20.92
C ASN A 146 2.68 4.97 20.89
N VAL A 147 2.64 4.37 19.71
CA VAL A 147 2.26 2.97 19.58
C VAL A 147 3.40 1.98 19.38
N ALA A 148 4.31 2.28 18.47
CA ALA A 148 5.40 1.36 18.17
C ALA A 148 6.30 1.06 19.38
N GLY A 149 6.71 -0.20 19.48
CA GLY A 149 7.60 -0.59 20.55
C GLY A 149 8.90 0.17 20.42
N ASP A 150 9.60 0.39 21.52
CA ASP A 150 10.85 1.14 21.47
C ASP A 150 12.09 0.35 21.07
N TYR A 151 11.92 -0.96 20.87
CA TYR A 151 13.04 -1.81 20.44
C TYR A 151 12.67 -2.53 19.16
N TYR A 152 13.64 -2.65 18.26
CA TYR A 152 13.41 -3.35 17.00
C TYR A 152 14.20 -4.64 16.99
N VAL A 153 13.60 -5.67 16.39
CA VAL A 153 14.23 -6.98 16.29
C VAL A 153 14.44 -7.30 14.82
N GLY A 154 15.69 -7.32 14.38
CA GLY A 154 15.99 -7.64 13.00
C GLY A 154 16.16 -9.15 12.85
N GLY A 155 15.70 -9.69 11.73
CA GLY A 155 15.84 -11.12 11.51
C GLY A 155 15.17 -11.63 10.26
N SER A 156 15.53 -12.84 9.87
CA SER A 156 14.98 -13.49 8.70
C SER A 156 13.76 -14.32 9.06
N LEU A 157 12.80 -14.36 8.14
CA LEU A 157 11.58 -15.11 8.38
C LEU A 157 11.47 -16.41 7.60
N GLU A 158 10.76 -17.36 8.21
CA GLU A 158 10.44 -18.63 7.58
C GLU A 158 8.92 -18.62 7.72
N ALA A 159 8.24 -18.84 6.60
CA ALA A 159 6.79 -18.78 6.58
C ALA A 159 6.04 -20.05 6.96
N ILE A 160 4.91 -19.86 7.64
CA ILE A 160 4.04 -20.95 8.03
C ILE A 160 2.74 -20.71 7.25
N GLN A 161 2.16 -19.52 7.40
CA GLN A 161 0.94 -19.18 6.67
C GLN A 161 0.72 -17.66 6.67
N LEU A 162 -0.01 -17.18 5.68
CA LEU A 162 -0.30 -15.75 5.62
C LEU A 162 -1.34 -15.43 6.67
N PRO A 163 -1.35 -14.18 7.17
CA PRO A 163 -2.34 -13.81 8.17
C PRO A 163 -3.72 -14.19 7.65
N GLN A 164 -4.56 -14.70 8.53
CA GLN A 164 -5.90 -15.12 8.16
C GLN A 164 -6.86 -13.95 8.07
N HIS A 165 -7.65 -13.92 6.99
CA HIS A 165 -8.65 -12.88 6.79
C HIS A 165 -10.00 -13.55 6.72
N TYR A 166 -11.02 -12.86 7.25
CA TYR A 166 -12.37 -13.41 7.25
C TYR A 166 -13.29 -12.61 6.33
N ASP A 167 -12.73 -11.62 5.64
CA ASP A 167 -13.49 -10.79 4.71
C ASP A 167 -12.97 -10.95 3.29
N TYR A 168 -13.89 -10.87 2.33
CA TYR A 168 -13.58 -10.98 0.91
C TYR A 168 -12.52 -12.01 0.54
N PRO A 169 -12.88 -13.30 0.58
CA PRO A 169 -11.95 -14.38 0.25
C PRO A 169 -11.57 -14.39 -1.22
N GLY A 170 -10.29 -14.64 -1.49
CA GLY A 170 -9.81 -14.68 -2.86
C GLY A 170 -9.68 -13.32 -3.52
N LEU A 171 -10.04 -12.26 -2.82
CA LEU A 171 -9.94 -10.92 -3.38
C LEU A 171 -8.55 -10.33 -3.15
N ARG A 172 -7.82 -10.86 -2.18
CA ARG A 172 -6.46 -10.39 -1.91
C ARG A 172 -5.48 -11.28 -2.66
N LYS A 173 -5.39 -11.13 -3.98
CA LYS A 173 -4.45 -11.93 -4.75
C LYS A 173 -3.03 -11.62 -4.30
N THR A 174 -2.19 -12.66 -4.22
CA THR A 174 -0.80 -12.47 -3.84
C THR A 174 -0.03 -12.03 -5.08
N PRO A 175 1.22 -11.58 -4.90
CA PRO A 175 2.01 -11.17 -6.06
C PRO A 175 2.12 -12.29 -7.09
N ALA A 176 2.35 -13.51 -6.63
CA ALA A 176 2.48 -14.66 -7.53
C ALA A 176 1.16 -14.88 -8.28
N GLN A 177 0.05 -14.79 -7.56
CA GLN A 177 -1.26 -14.99 -8.18
C GLN A 177 -1.55 -13.91 -9.21
N LEU A 178 -1.30 -12.65 -8.85
CA LEU A 178 -1.56 -11.55 -9.78
C LEU A 178 -0.66 -11.65 -11.00
N ARG A 179 0.61 -11.98 -10.78
CA ARG A 179 1.54 -12.13 -11.89
C ARG A 179 1.04 -13.19 -12.84
N LEU A 180 0.49 -14.28 -12.30
CA LEU A 180 -0.02 -15.35 -13.13
C LEU A 180 -1.29 -14.90 -13.85
N GLU A 181 -2.11 -14.09 -13.18
CA GLU A 181 -3.34 -13.59 -13.78
C GLU A 181 -3.00 -12.76 -15.01
N PHE A 182 -1.99 -11.90 -14.87
CA PHE A 182 -1.56 -11.05 -15.97
C PHE A 182 -0.97 -11.86 -17.12
N GLN A 183 -0.09 -12.80 -16.77
CA GLN A 183 0.54 -13.64 -17.78
C GLN A 183 -0.50 -14.45 -18.53
N SER A 184 -1.50 -14.95 -17.79
CA SER A 184 -2.56 -15.75 -18.37
C SER A 184 -3.41 -14.98 -19.39
N ARG A 185 -3.38 -13.66 -19.30
CA ARG A 185 -4.14 -12.82 -20.22
C ARG A 185 -3.20 -12.12 -21.20
N GLN A 186 -1.91 -12.46 -21.12
CA GLN A 186 -0.89 -11.85 -21.96
C GLN A 186 -0.80 -10.35 -21.70
N TRP A 187 -1.04 -9.96 -20.45
CA TRP A 187 -0.96 -8.58 -20.03
C TRP A 187 0.47 -8.26 -19.59
N ASP A 188 1.31 -7.85 -20.53
CA ASP A 188 2.69 -7.53 -20.19
C ASP A 188 2.83 -6.08 -19.73
N ARG A 189 1.84 -5.26 -20.04
CA ARG A 189 1.83 -3.86 -19.63
C ARG A 189 0.60 -3.62 -18.78
N VAL A 190 0.82 -3.28 -17.51
CA VAL A 190 -0.27 -3.04 -16.57
C VAL A 190 -0.03 -1.78 -15.75
N VAL A 191 -1.03 -0.90 -15.75
CA VAL A 191 -0.94 0.33 -14.98
C VAL A 191 -1.73 0.13 -13.70
N ALA A 192 -1.05 0.27 -12.57
CA ALA A 192 -1.69 0.07 -11.27
C ALA A 192 -2.18 1.39 -10.67
N PHE A 193 -3.34 1.32 -10.04
CA PHE A 193 -3.97 2.46 -9.40
C PHE A 193 -4.12 2.24 -7.90
N GLN A 194 -3.50 3.14 -7.14
CA GLN A 194 -3.55 3.11 -5.68
C GLN A 194 -4.70 3.98 -5.22
N THR A 195 -5.43 3.51 -4.22
CA THR A 195 -6.51 4.28 -3.65
C THR A 195 -6.93 3.70 -2.30
N ARG A 196 -7.43 4.58 -1.45
CA ARG A 196 -7.93 4.19 -0.14
C ARG A 196 -9.28 4.86 0.00
N ASN A 197 -9.85 5.28 -1.12
CA ASN A 197 -11.13 5.97 -1.17
C ASN A 197 -12.08 5.39 -2.21
N PRO A 198 -13.34 5.85 -2.21
CA PRO A 198 -14.29 5.34 -3.21
C PRO A 198 -13.85 5.85 -4.58
N MET A 199 -14.38 5.24 -5.63
CA MET A 199 -14.07 5.65 -6.99
C MET A 199 -15.34 6.10 -7.67
N HIS A 200 -15.25 7.18 -8.43
CA HIS A 200 -16.39 7.72 -9.14
C HIS A 200 -16.13 7.70 -10.64
N ARG A 201 -17.03 8.28 -11.42
CA ARG A 201 -16.87 8.29 -12.87
C ARG A 201 -15.51 8.83 -13.31
N ALA A 202 -15.06 9.91 -12.66
CA ALA A 202 -13.78 10.52 -13.01
C ALA A 202 -12.62 9.55 -12.86
N HIS A 203 -12.64 8.72 -11.83
CA HIS A 203 -11.57 7.75 -11.60
C HIS A 203 -11.59 6.66 -12.66
N ARG A 204 -12.79 6.27 -13.08
CA ARG A 204 -12.94 5.25 -14.10
C ARG A 204 -12.34 5.80 -15.40
N GLU A 205 -12.64 7.07 -15.69
CA GLU A 205 -12.13 7.71 -16.90
C GLU A 205 -10.61 7.91 -16.91
N LEU A 206 -10.06 8.40 -15.81
CA LEU A 206 -8.62 8.64 -15.78
C LEU A 206 -7.81 7.36 -15.83
N THR A 207 -8.30 6.31 -15.19
CA THR A 207 -7.56 5.04 -15.23
C THR A 207 -7.65 4.41 -16.61
N VAL A 208 -8.81 4.50 -17.25
CA VAL A 208 -8.98 3.95 -18.59
C VAL A 208 -8.09 4.72 -19.57
N ARG A 209 -8.06 6.04 -19.43
CA ARG A 209 -7.24 6.87 -20.30
C ARG A 209 -5.76 6.53 -20.11
N ALA A 210 -5.35 6.33 -18.85
CA ALA A 210 -3.96 6.01 -18.57
C ALA A 210 -3.57 4.70 -19.25
N ALA A 211 -4.45 3.71 -19.16
CA ALA A 211 -4.20 2.41 -19.78
C ALA A 211 -4.06 2.53 -21.29
N ARG A 212 -5.02 3.22 -21.92
CA ARG A 212 -5.01 3.38 -23.37
C ARG A 212 -3.79 4.12 -23.89
N GLU A 213 -3.39 5.19 -23.21
CA GLU A 213 -2.22 5.96 -23.65
C GLU A 213 -0.92 5.16 -23.52
N ALA A 214 -0.88 4.26 -22.55
CA ALA A 214 0.32 3.44 -22.34
C ALA A 214 0.19 2.08 -23.00
N ASN A 215 -0.88 1.88 -23.76
CA ASN A 215 -1.12 0.60 -24.43
C ASN A 215 -1.00 -0.49 -23.39
N ALA A 216 -1.73 -0.32 -22.28
CA ALA A 216 -1.69 -1.27 -21.20
C ALA A 216 -3.08 -1.56 -20.65
N LYS A 217 -3.12 -2.40 -19.62
CA LYS A 217 -4.37 -2.78 -18.97
C LYS A 217 -4.39 -2.10 -17.60
N VAL A 218 -5.52 -2.18 -16.92
CA VAL A 218 -5.67 -1.54 -15.61
C VAL A 218 -5.77 -2.47 -14.41
N LEU A 219 -4.99 -2.17 -13.37
CA LEU A 219 -5.07 -2.93 -12.13
C LEU A 219 -5.57 -1.96 -11.08
N ILE A 220 -6.79 -2.16 -10.61
CA ILE A 220 -7.33 -1.33 -9.54
C ILE A 220 -6.83 -2.09 -8.32
N HIS A 221 -5.96 -1.44 -7.55
CA HIS A 221 -5.30 -2.07 -6.40
C HIS A 221 -5.51 -1.30 -5.11
N PRO A 222 -6.76 -1.27 -4.61
CA PRO A 222 -7.07 -0.54 -3.38
C PRO A 222 -6.47 -1.12 -2.11
N VAL A 223 -6.16 -0.24 -1.17
CA VAL A 223 -5.62 -0.67 0.09
C VAL A 223 -6.74 -0.99 1.07
N VAL A 224 -6.62 -2.16 1.69
CA VAL A 224 -7.56 -2.63 2.69
C VAL A 224 -6.66 -3.27 3.75
N GLY A 225 -6.35 -2.48 4.77
CA GLY A 225 -5.50 -2.95 5.85
C GLY A 225 -5.50 -1.84 6.88
N LEU A 226 -4.61 -0.87 6.68
CA LEU A 226 -4.51 0.29 7.54
C LEU A 226 -4.33 1.48 6.60
N THR A 227 -5.30 2.38 6.61
CA THR A 227 -5.26 3.55 5.74
C THR A 227 -5.18 4.84 6.56
N LYS A 228 -5.76 5.91 6.05
CA LYS A 228 -5.74 7.19 6.75
C LYS A 228 -6.93 7.28 7.70
N PRO A 229 -6.71 7.81 8.91
CA PRO A 229 -7.77 7.95 9.90
C PRO A 229 -8.99 8.68 9.34
N GLY A 230 -10.17 8.08 9.49
CA GLY A 230 -11.38 8.71 9.00
C GLY A 230 -11.82 8.31 7.61
N ASP A 231 -11.13 7.35 7.00
CA ASP A 231 -11.50 6.92 5.65
C ASP A 231 -12.82 6.15 5.66
N ILE A 232 -13.41 6.03 4.48
CA ILE A 232 -14.67 5.31 4.33
C ILE A 232 -14.47 3.85 4.70
N ASP A 233 -15.44 3.29 5.41
CA ASP A 233 -15.40 1.90 5.85
C ASP A 233 -14.92 0.98 4.71
N HIS A 234 -14.07 0.01 5.04
CA HIS A 234 -13.54 -0.89 4.02
C HIS A 234 -14.59 -1.73 3.29
N HIS A 235 -15.69 -2.06 3.96
CA HIS A 235 -16.74 -2.85 3.30
C HIS A 235 -17.43 -2.00 2.24
N THR A 236 -17.71 -0.75 2.59
CA THR A 236 -18.35 0.17 1.65
C THR A 236 -17.43 0.33 0.44
N ARG A 237 -16.15 0.56 0.70
CA ARG A 237 -15.19 0.75 -0.38
C ARG A 237 -15.07 -0.47 -1.28
N VAL A 238 -14.95 -1.66 -0.69
CA VAL A 238 -14.83 -2.87 -1.49
C VAL A 238 -16.06 -3.05 -2.37
N ARG A 239 -17.26 -2.82 -1.81
CA ARG A 239 -18.46 -2.94 -2.62
C ARG A 239 -18.44 -1.94 -3.77
N VAL A 240 -17.93 -0.73 -3.51
CA VAL A 240 -17.83 0.28 -4.56
C VAL A 240 -16.88 -0.22 -5.66
N TYR A 241 -15.75 -0.78 -5.27
CA TYR A 241 -14.79 -1.26 -6.27
C TYR A 241 -15.35 -2.40 -7.10
N GLN A 242 -16.03 -3.35 -6.44
CA GLN A 242 -16.61 -4.48 -7.14
C GLN A 242 -17.66 -4.03 -8.15
N GLU A 243 -18.40 -2.99 -7.81
CA GLU A 243 -19.43 -2.50 -8.71
C GLU A 243 -18.86 -1.68 -9.86
N ILE A 244 -17.96 -0.75 -9.56
CA ILE A 244 -17.42 0.11 -10.60
C ILE A 244 -16.54 -0.61 -11.63
N ILE A 245 -15.89 -1.70 -11.24
CA ILE A 245 -15.06 -2.39 -12.22
C ILE A 245 -15.92 -2.97 -13.35
N LYS A 246 -17.21 -3.18 -13.06
CA LYS A 246 -18.13 -3.72 -14.06
C LYS A 246 -18.43 -2.67 -15.13
N ARG A 247 -18.08 -1.42 -14.84
CA ARG A 247 -18.32 -0.30 -15.75
C ARG A 247 -17.12 -0.01 -16.65
N TYR A 248 -16.08 -0.82 -16.54
CA TYR A 248 -14.89 -0.63 -17.36
C TYR A 248 -15.04 -1.30 -18.72
N PRO A 249 -14.32 -0.80 -19.74
CA PRO A 249 -14.38 -1.38 -21.08
C PRO A 249 -14.09 -2.87 -21.03
N ASN A 250 -14.67 -3.61 -21.97
CA ASN A 250 -14.50 -5.06 -22.04
C ASN A 250 -13.05 -5.50 -21.82
N GLY A 251 -12.85 -6.35 -20.81
CA GLY A 251 -11.53 -6.88 -20.51
C GLY A 251 -10.33 -5.96 -20.47
N ILE A 252 -10.44 -4.82 -19.78
CA ILE A 252 -9.32 -3.90 -19.70
C ILE A 252 -8.83 -3.76 -18.26
N ALA A 253 -9.68 -4.14 -17.30
CA ALA A 253 -9.32 -4.00 -15.89
C ALA A 253 -9.45 -5.23 -15.01
N PHE A 254 -8.71 -5.22 -13.90
CA PHE A 254 -8.73 -6.29 -12.93
C PHE A 254 -8.68 -5.64 -11.55
N LEU A 255 -9.42 -6.22 -10.59
CA LEU A 255 -9.46 -5.69 -9.23
C LEU A 255 -8.86 -6.67 -8.24
N SER A 256 -7.98 -6.16 -7.37
CA SER A 256 -7.36 -6.96 -6.33
C SER A 256 -7.08 -6.05 -5.14
N LEU A 257 -7.25 -6.58 -3.94
CA LEU A 257 -7.03 -5.80 -2.72
C LEU A 257 -5.61 -5.96 -2.19
N LEU A 258 -5.05 -4.85 -1.71
CA LEU A 258 -3.69 -4.84 -1.15
C LEU A 258 -3.78 -4.64 0.36
N PRO A 259 -3.36 -5.63 1.15
CA PRO A 259 -3.40 -5.54 2.62
C PRO A 259 -2.24 -4.74 3.22
N LEU A 260 -2.06 -3.53 2.71
CA LEU A 260 -0.98 -2.65 3.15
C LEU A 260 -1.30 -1.76 4.34
N ALA A 261 -0.32 -1.57 5.20
CA ALA A 261 -0.47 -0.68 6.34
C ALA A 261 0.25 0.59 5.89
N MET A 262 -0.51 1.56 5.39
CA MET A 262 0.06 2.81 4.93
C MET A 262 0.64 3.61 6.09
N ARG A 263 1.69 4.36 5.81
CA ARG A 263 2.31 5.22 6.82
C ARG A 263 1.92 6.66 6.55
N MET A 264 1.27 6.89 5.40
CA MET A 264 0.88 8.23 4.96
C MET A 264 2.18 9.03 4.85
N SER A 265 3.22 8.37 4.32
CA SER A 265 4.54 8.99 4.20
C SER A 265 4.86 9.65 2.85
N GLY A 266 3.85 10.27 2.26
CA GLY A 266 4.01 11.01 1.02
C GLY A 266 4.96 10.49 -0.05
N ASP A 267 5.99 11.27 -0.38
CA ASP A 267 6.90 10.85 -1.44
C ASP A 267 7.65 9.55 -1.17
N ARG A 268 8.17 9.36 0.03
CA ARG A 268 8.84 8.10 0.33
C ARG A 268 7.86 6.96 0.19
N GLU A 269 6.61 7.16 0.62
CA GLU A 269 5.63 6.10 0.50
C GLU A 269 5.27 5.82 -0.97
N ALA A 270 5.26 6.86 -1.79
CA ALA A 270 4.96 6.67 -3.21
C ALA A 270 6.00 5.76 -3.87
N VAL A 271 7.26 5.92 -3.48
CA VAL A 271 8.33 5.08 -4.02
C VAL A 271 8.10 3.63 -3.56
N TRP A 272 7.75 3.48 -2.29
CA TRP A 272 7.47 2.18 -1.69
C TRP A 272 6.29 1.55 -2.43
N HIS A 273 5.26 2.34 -2.73
CA HIS A 273 4.11 1.85 -3.48
C HIS A 273 4.53 1.36 -4.87
N ALA A 274 5.42 2.09 -5.52
CA ALA A 274 5.88 1.71 -6.85
C ALA A 274 6.59 0.36 -6.78
N ILE A 275 7.40 0.19 -5.73
CA ILE A 275 8.12 -1.07 -5.53
C ILE A 275 7.12 -2.21 -5.31
N ILE A 276 6.15 -1.97 -4.44
CA ILE A 276 5.14 -2.99 -4.15
C ILE A 276 4.36 -3.36 -5.40
N ARG A 277 3.91 -2.36 -6.15
CA ARG A 277 3.16 -2.65 -7.36
C ARG A 277 4.02 -3.36 -8.39
N LYS A 278 5.32 -3.06 -8.44
CA LYS A 278 6.18 -3.75 -9.38
C LYS A 278 6.24 -5.22 -8.95
N ASN A 279 6.34 -5.46 -7.65
CA ASN A 279 6.38 -6.83 -7.16
C ASN A 279 5.09 -7.58 -7.47
N TYR A 280 3.97 -6.85 -7.53
CA TYR A 280 2.68 -7.46 -7.85
C TYR A 280 2.46 -7.63 -9.36
N GLY A 281 3.44 -7.21 -10.17
CA GLY A 281 3.33 -7.37 -11.61
C GLY A 281 3.06 -6.18 -12.50
N ALA A 282 2.95 -4.99 -11.91
CA ALA A 282 2.67 -3.77 -12.68
C ALA A 282 3.90 -3.23 -13.40
N SER A 283 3.67 -2.61 -14.55
CA SER A 283 4.75 -2.03 -15.34
C SER A 283 4.68 -0.51 -15.27
N HIS A 284 3.50 -0.01 -14.91
CA HIS A 284 3.24 1.43 -14.78
C HIS A 284 2.53 1.67 -13.47
N PHE A 285 2.74 2.84 -12.90
CA PHE A 285 2.09 3.19 -11.63
C PHE A 285 1.64 4.64 -11.65
N ILE A 286 0.38 4.87 -11.31
CA ILE A 286 -0.15 6.23 -11.27
C ILE A 286 0.27 6.84 -9.93
N VAL A 287 0.85 8.03 -9.98
CA VAL A 287 1.27 8.72 -8.78
C VAL A 287 0.43 9.97 -8.66
N GLY A 288 -0.32 10.07 -7.57
CA GLY A 288 -1.18 11.22 -7.40
C GLY A 288 -0.57 12.47 -6.82
N ARG A 289 -1.36 13.54 -6.83
CA ARG A 289 -0.95 14.80 -6.25
C ARG A 289 -1.05 14.49 -4.76
N ASP A 290 0.00 14.83 -4.02
CA ASP A 290 0.07 14.56 -2.59
C ASP A 290 -0.20 13.07 -2.34
N HIS A 291 0.39 12.24 -3.20
CA HIS A 291 0.26 10.79 -3.10
C HIS A 291 0.59 10.34 -1.68
N ALA A 292 -0.31 9.55 -1.08
CA ALA A 292 -0.13 9.03 0.28
C ALA A 292 0.20 10.11 1.30
N GLY A 293 -0.27 11.33 1.05
CA GLY A 293 -0.01 12.42 1.96
C GLY A 293 -1.08 12.59 3.01
N PRO A 294 -0.71 13.03 4.22
CA PRO A 294 -1.67 13.22 5.32
C PRO A 294 -2.47 14.52 5.15
N GLY A 295 -2.01 15.37 4.22
CA GLY A 295 -2.68 16.64 3.99
C GLY A 295 -1.92 17.80 4.62
N LYS A 296 -2.59 18.55 5.49
CA LYS A 296 -1.97 19.68 6.17
C LYS A 296 -2.06 19.50 7.69
N ASN A 297 -1.15 20.11 8.42
CA ASN A 297 -1.16 20.00 9.87
C ASN A 297 -2.11 21.01 10.49
N SER A 298 -2.06 21.13 11.82
CA SER A 298 -2.94 22.05 12.54
C SER A 298 -2.78 23.51 12.16
N LYS A 299 -1.63 23.88 11.62
CA LYS A 299 -1.38 25.25 11.22
C LYS A 299 -1.60 25.48 9.73
N GLY A 300 -2.23 24.52 9.07
CA GLY A 300 -2.50 24.64 7.65
C GLY A 300 -1.27 24.46 6.79
N VAL A 301 -0.24 23.83 7.34
CA VAL A 301 1.00 23.60 6.59
C VAL A 301 1.01 22.19 6.01
N ASP A 302 1.25 22.07 4.72
CA ASP A 302 1.28 20.78 4.04
C ASP A 302 2.44 19.94 4.56
N PHE A 303 2.19 18.65 4.79
CA PHE A 303 3.25 17.76 5.25
C PHE A 303 4.22 17.53 4.09
N TYR A 304 3.66 17.51 2.88
CA TYR A 304 4.44 17.31 1.66
C TYR A 304 3.99 18.28 0.58
N GLY A 305 4.88 18.57 -0.36
CA GLY A 305 4.51 19.44 -1.47
C GLY A 305 3.64 18.59 -2.36
N PRO A 306 2.66 19.15 -3.06
CA PRO A 306 1.78 18.38 -3.94
C PRO A 306 2.42 17.49 -4.99
N TYR A 307 3.58 17.88 -5.51
CA TYR A 307 4.24 17.09 -6.53
C TYR A 307 5.53 16.41 -6.06
N ASP A 308 5.77 16.45 -4.76
CA ASP A 308 6.97 15.82 -4.20
C ASP A 308 7.01 14.33 -4.55
N ALA A 309 5.87 13.65 -4.41
CA ALA A 309 5.80 12.23 -4.70
C ALA A 309 6.09 11.92 -6.16
N GLN A 310 5.45 12.64 -7.07
CA GLN A 310 5.65 12.43 -8.50
C GLN A 310 7.12 12.61 -8.85
N GLU A 311 7.71 13.69 -8.34
CA GLU A 311 9.10 13.99 -8.63
C GLU A 311 10.06 12.94 -8.07
N LEU A 312 9.81 12.48 -6.86
CA LEU A 312 10.70 11.48 -6.27
C LEU A 312 10.63 10.14 -7.02
N VAL A 313 9.42 9.68 -7.31
CA VAL A 313 9.29 8.41 -8.01
C VAL A 313 9.88 8.52 -9.43
N GLU A 314 9.63 9.65 -10.09
CA GLU A 314 10.16 9.85 -11.43
C GLU A 314 11.69 9.77 -11.40
N SER A 315 12.30 10.33 -10.35
CA SER A 315 13.75 10.32 -10.23
C SER A 315 14.34 8.92 -10.05
N TYR A 316 13.54 8.01 -9.52
CA TYR A 316 13.99 6.62 -9.29
C TYR A 316 13.45 5.66 -10.35
N LYS A 317 12.63 6.18 -11.27
CA LYS A 317 12.00 5.35 -12.30
C LYS A 317 12.93 4.39 -13.03
N HIS A 318 14.08 4.88 -13.47
CA HIS A 318 15.03 4.04 -14.18
C HIS A 318 15.54 2.89 -13.32
N GLU A 319 15.80 3.18 -12.05
CA GLU A 319 16.30 2.18 -11.12
C GLU A 319 15.20 1.17 -10.75
N LEU A 320 13.96 1.65 -10.73
CA LEU A 320 12.82 0.80 -10.38
C LEU A 320 12.34 0.00 -11.58
N ASP A 321 12.70 0.47 -12.77
CA ASP A 321 12.28 -0.17 -14.01
C ASP A 321 10.75 -0.20 -14.08
N ILE A 322 10.15 0.95 -13.76
CA ILE A 322 8.71 1.08 -13.80
C ILE A 322 8.43 2.45 -14.40
N GLU A 323 7.27 2.61 -15.01
CA GLU A 323 6.92 3.90 -15.60
C GLU A 323 5.97 4.65 -14.67
N VAL A 324 6.18 5.95 -14.56
CA VAL A 324 5.36 6.80 -13.71
C VAL A 324 4.30 7.50 -14.55
N VAL A 325 3.05 7.43 -14.10
CA VAL A 325 1.94 8.08 -14.78
C VAL A 325 1.30 9.10 -13.85
N PRO A 326 1.55 10.40 -14.11
CA PRO A 326 0.96 11.42 -13.25
C PRO A 326 -0.56 11.32 -13.19
N PHE A 327 -1.11 11.46 -11.99
CA PHE A 327 -2.54 11.41 -11.78
C PHE A 327 -3.13 12.59 -12.55
N ARG A 328 -3.99 12.31 -13.53
CA ARG A 328 -4.61 13.38 -14.33
C ARG A 328 -6.12 13.38 -14.12
N MET A 329 -6.58 14.14 -13.13
CA MET A 329 -8.00 14.20 -12.84
C MET A 329 -8.80 14.67 -14.04
N VAL A 330 -9.99 14.09 -14.20
CA VAL A 330 -10.86 14.46 -15.31
C VAL A 330 -12.14 15.10 -14.77
N THR A 331 -12.78 15.88 -15.62
CA THR A 331 -14.02 16.55 -15.25
C THR A 331 -15.02 16.35 -16.37
N TYR A 332 -16.28 16.70 -16.12
CA TYR A 332 -17.32 16.55 -17.12
C TYR A 332 -17.60 17.86 -17.84
N LEU A 333 -17.59 17.80 -19.18
CA LEU A 333 -17.84 18.98 -20.01
C LEU A 333 -19.26 18.91 -20.57
N PRO A 334 -20.20 19.63 -19.94
CA PRO A 334 -21.60 19.64 -20.37
C PRO A 334 -21.87 20.09 -21.80
N ASP A 335 -21.17 21.13 -22.26
CA ASP A 335 -21.39 21.64 -23.62
C ASP A 335 -20.97 20.66 -24.72
N GLU A 336 -20.19 19.64 -24.36
CA GLU A 336 -19.73 18.66 -25.33
C GLU A 336 -20.07 17.23 -24.89
N ASP A 337 -20.78 17.12 -23.77
CA ASP A 337 -21.17 15.82 -23.21
C ASP A 337 -20.04 14.82 -23.28
N ARG A 338 -18.91 15.16 -22.66
CA ARG A 338 -17.76 14.28 -22.66
C ARG A 338 -16.88 14.56 -21.45
N TYR A 339 -15.94 13.68 -21.18
CA TYR A 339 -15.02 13.85 -20.07
C TYR A 339 -13.65 14.21 -20.61
N ALA A 340 -12.96 15.10 -19.91
CA ALA A 340 -11.64 15.51 -20.34
C ALA A 340 -10.78 15.87 -19.14
N PRO A 341 -9.46 15.72 -19.27
CA PRO A 341 -8.54 16.05 -18.17
C PRO A 341 -8.66 17.52 -17.81
N ILE A 342 -8.66 17.81 -16.51
CA ILE A 342 -8.76 19.19 -16.05
C ILE A 342 -7.59 19.99 -16.61
N ASP A 343 -6.46 19.32 -16.82
CA ASP A 343 -5.27 19.97 -17.37
C ASP A 343 -5.56 20.40 -18.80
N GLN A 344 -6.21 19.51 -19.55
CA GLN A 344 -6.58 19.74 -20.93
C GLN A 344 -7.35 21.06 -21.08
N ILE A 345 -8.06 21.43 -20.02
CA ILE A 345 -8.85 22.66 -20.03
C ILE A 345 -8.04 23.86 -19.55
N ASP A 346 -7.41 24.56 -20.48
CA ASP A 346 -6.61 25.73 -20.15
C ASP A 346 -7.53 26.85 -19.64
N THR A 347 -6.94 27.82 -18.96
CA THR A 347 -7.70 28.95 -18.42
C THR A 347 -8.34 29.71 -19.58
N THR A 348 -9.48 29.21 -20.06
CA THR A 348 -10.18 29.84 -21.17
C THR A 348 -11.69 29.78 -20.99
N LYS A 349 -12.41 29.66 -22.10
CA LYS A 349 -13.87 29.60 -22.08
C LYS A 349 -14.37 28.17 -22.23
N THR A 350 -14.22 27.39 -21.17
CA THR A 350 -14.66 26.00 -21.16
C THR A 350 -15.36 25.69 -19.84
N ARG A 351 -16.62 25.31 -19.92
CA ARG A 351 -17.42 25.00 -18.72
C ARG A 351 -17.32 23.55 -18.28
N THR A 352 -17.33 23.33 -16.96
CA THR A 352 -17.25 21.98 -16.41
C THR A 352 -18.17 21.78 -15.21
N LEU A 353 -18.59 20.53 -14.98
CA LEU A 353 -19.46 20.17 -13.87
C LEU A 353 -18.66 19.33 -12.89
N ASN A 354 -18.75 19.70 -11.61
CA ASN A 354 -18.02 19.00 -10.55
C ASN A 354 -18.80 18.99 -9.24
N ILE A 355 -18.46 18.03 -8.38
CA ILE A 355 -19.06 17.91 -7.07
C ILE A 355 -17.89 17.73 -6.11
N SER A 356 -17.68 18.72 -5.25
CA SER A 356 -16.58 18.67 -4.29
C SER A 356 -16.78 17.56 -3.28
N GLY A 357 -15.69 17.17 -2.62
CA GLY A 357 -15.77 16.12 -1.61
C GLY A 357 -16.72 16.56 -0.50
N THR A 358 -16.68 17.85 -0.19
CA THR A 358 -17.54 18.41 0.86
C THR A 358 -19.01 18.30 0.47
N GLU A 359 -19.36 18.75 -0.73
CA GLU A 359 -20.73 18.68 -1.20
C GLU A 359 -21.22 17.24 -1.27
N LEU A 360 -20.35 16.34 -1.73
CA LEU A 360 -20.72 14.94 -1.83
C LEU A 360 -21.03 14.36 -0.46
N ARG A 361 -20.14 14.61 0.50
CA ARG A 361 -20.33 14.11 1.86
C ARG A 361 -21.64 14.58 2.45
N ARG A 362 -21.94 15.87 2.28
CA ARG A 362 -23.15 16.44 2.82
C ARG A 362 -24.44 15.94 2.16
N ARG A 363 -24.41 15.71 0.85
CA ARG A 363 -25.59 15.22 0.16
C ARG A 363 -25.92 13.79 0.60
N LEU A 364 -24.87 12.96 0.71
CA LEU A 364 -25.04 11.58 1.12
C LEU A 364 -25.64 11.44 2.51
N ARG A 365 -25.39 12.44 3.35
CA ARG A 365 -25.90 12.41 4.72
C ARG A 365 -27.34 12.90 4.84
N VAL A 366 -27.84 13.57 3.81
CA VAL A 366 -29.21 14.06 3.82
C VAL A 366 -30.04 13.43 2.71
N GLY A 367 -29.47 12.40 2.07
CA GLY A 367 -30.18 11.73 1.01
C GLY A 367 -30.34 12.57 -0.25
N GLY A 368 -29.40 13.46 -0.49
CA GLY A 368 -29.47 14.30 -1.67
C GLY A 368 -29.08 13.57 -2.93
N GLU A 369 -29.77 13.85 -4.03
CA GLU A 369 -29.48 13.21 -5.31
C GLU A 369 -28.08 13.51 -5.80
N ILE A 370 -27.47 12.52 -6.45
CA ILE A 370 -26.13 12.64 -7.02
C ILE A 370 -26.28 12.39 -8.52
N PRO A 371 -25.90 13.37 -9.36
CA PRO A 371 -26.00 13.22 -10.82
C PRO A 371 -25.19 12.07 -11.39
N GLU A 372 -25.71 11.46 -12.45
CA GLU A 372 -25.03 10.35 -13.09
C GLU A 372 -23.74 10.77 -13.77
N TRP A 373 -23.60 12.05 -14.10
CA TRP A 373 -22.35 12.48 -14.74
C TRP A 373 -21.23 12.47 -13.71
N PHE A 374 -21.59 12.41 -12.43
CA PHE A 374 -20.59 12.38 -11.37
C PHE A 374 -20.23 10.94 -10.98
N SER A 375 -21.24 10.10 -10.83
CA SER A 375 -20.98 8.71 -10.44
C SER A 375 -22.14 7.81 -10.85
N TYR A 376 -21.83 6.54 -11.11
CA TYR A 376 -22.83 5.57 -11.52
C TYR A 376 -23.85 5.37 -10.41
N PRO A 377 -25.13 5.25 -10.77
CA PRO A 377 -26.21 5.06 -9.78
C PRO A 377 -25.98 3.90 -8.82
N GLU A 378 -25.47 2.79 -9.32
CA GLU A 378 -25.23 1.62 -8.47
C GLU A 378 -24.12 1.90 -7.45
N VAL A 379 -23.16 2.73 -7.82
CA VAL A 379 -22.07 3.06 -6.90
C VAL A 379 -22.60 4.03 -5.85
N VAL A 380 -23.35 5.03 -6.27
CA VAL A 380 -23.92 6.01 -5.35
C VAL A 380 -24.77 5.31 -4.30
N LYS A 381 -25.54 4.32 -4.72
CA LYS A 381 -26.40 3.57 -3.80
C LYS A 381 -25.59 2.94 -2.67
N ILE A 382 -24.41 2.43 -3.02
CA ILE A 382 -23.54 1.79 -2.04
C ILE A 382 -23.00 2.78 -1.01
N LEU A 383 -22.78 4.02 -1.43
CA LEU A 383 -22.27 5.07 -0.55
C LEU A 383 -23.42 5.77 0.19
N ARG A 384 -24.63 5.58 -0.31
CA ARG A 384 -25.85 6.17 0.24
C ARG A 384 -26.13 5.77 1.68
N GLU A 385 -26.11 6.76 2.58
CA GLU A 385 -26.36 6.54 4.00
C GLU A 385 -25.55 5.39 4.59
N SER A 386 -24.36 5.16 4.04
CA SER A 386 -23.48 4.11 4.53
C SER A 386 -22.98 4.43 5.93
S SO4 B . -3.72 8.05 -1.44
O1 SO4 B . -3.34 8.30 -0.04
O2 SO4 B . -4.04 6.63 -1.63
O3 SO4 B . -4.92 8.87 -1.77
O4 SO4 B . -2.61 8.43 -2.33
S SO4 C . -10.11 -9.30 7.94
O1 SO4 C . -8.68 -8.92 7.92
O2 SO4 C . -10.31 -10.45 8.84
O3 SO4 C . -10.90 -8.15 8.44
O4 SO4 C . -10.56 -9.64 6.57
S SO4 D . -15.49 3.78 -23.30
O1 SO4 D . -14.40 4.41 -22.50
O2 SO4 D . -14.95 2.62 -24.03
O3 SO4 D . -16.56 3.33 -22.39
O4 SO4 D . -16.04 4.77 -24.25
CO CO E . -14.60 -6.05 7.95
#